data_8BSN
#
_entry.id   8BSN
#
_cell.length_a   140.484
_cell.length_b   140.484
_cell.length_c   157.398
_cell.angle_alpha   90
_cell.angle_beta   90
_cell.angle_gamma   90
#
_symmetry.space_group_name_H-M   'I 41 2 2'
#
loop_
_entity.id
_entity.type
_entity.pdbx_description
1 polymer 'Glutaminase kidney isoform, mitochondrial 65 kDa chain'
2 non-polymer 'SULFATE ION'
3 non-polymer (2~{S})-2-methoxy-2-phenyl-~{N}-[5-[[(3~{R})-1-pyridazin-3-ylpyrrolidin-3-yl]amino]-1,3,4-thiadiazol-2-yl]ethanamide
4 water water
#
_entity_poly.entity_id   1
_entity_poly.type   'polypeptide(L)'
_entity_poly.pdbx_seq_one_letter_code
;SMIPDFMSFTSHIDELYESAKKQSGGKVADYIPQLAKFSPDLWGVSVCTVDGQRHSTGDTKVPFCLQSCVKPLKYAIAVN
DLGTEYVHRYVGKEPSGLRFNKLFLNEDDKPHNPMVNAGAIVVTSLIKQGVNNAEKFDYVMQFLNKMAGNEYVGFSNATF
QSERESGDRNFAIGYYLKEKKCFPEGTDMVGILDFYFQLCSIEVTCESASVMAATLANGGFCPITGERVLSPEAVRNTLS
LMHSCGMYDFSGQFAFHVGLPAKSGVAGGILLVVPNVMGMMCWSPPLDKMGNSVKGIHFCHDLVSLCNFHNYDNL
;
_entity_poly.pdbx_strand_id   A
#
# COMPACT_ATOMS: atom_id res chain seq x y z
N PRO A 4 0.39 3.58 25.68
CA PRO A 4 0.21 3.79 27.13
C PRO A 4 0.66 5.18 27.59
N ASP A 5 1.98 5.46 27.54
CA ASP A 5 2.54 6.78 27.88
C ASP A 5 3.06 7.32 26.54
N PHE A 6 2.22 8.09 25.84
CA PHE A 6 2.49 8.60 24.50
C PHE A 6 3.72 9.50 24.39
N MET A 7 3.92 10.39 25.35
CA MET A 7 5.06 11.30 25.34
C MET A 7 6.40 10.55 25.31
N SER A 8 6.53 9.49 26.12
CA SER A 8 7.74 8.70 26.21
C SER A 8 7.95 7.82 24.98
N PHE A 9 6.84 7.34 24.39
CA PHE A 9 6.84 6.53 23.18
C PHE A 9 7.36 7.32 21.98
N THR A 10 6.98 8.61 21.87
CA THR A 10 7.46 9.44 20.77
C THR A 10 8.97 9.67 20.82
N SER A 11 9.57 9.67 22.03
CA SER A 11 11.02 9.79 22.18
C SER A 11 11.75 8.58 21.61
N HIS A 12 11.16 7.38 21.75
CA HIS A 12 11.70 6.16 21.18
C HIS A 12 11.55 6.17 19.66
N ILE A 13 10.44 6.73 19.13
CA ILE A 13 10.21 6.87 17.69
C ILE A 13 11.30 7.81 17.11
N ASP A 14 11.59 8.91 17.81
CA ASP A 14 12.61 9.89 17.40
C ASP A 14 14.02 9.27 17.40
N GLU A 15 14.29 8.37 18.37
CA GLU A 15 15.55 7.66 18.49
C GLU A 15 15.70 6.68 17.33
N LEU A 16 14.63 5.93 17.02
CA LEU A 16 14.63 4.97 15.93
C LEU A 16 14.77 5.65 14.58
N TYR A 17 14.14 6.82 14.43
CA TYR A 17 14.22 7.66 13.24
C TYR A 17 15.68 8.07 13.02
N GLU A 18 16.36 8.50 14.09
CA GLU A 18 17.73 8.98 14.03
C GLU A 18 18.73 7.87 13.72
N SER A 19 18.45 6.66 14.19
CA SER A 19 19.27 5.48 13.96
C SER A 19 19.15 5.01 12.51
N ALA A 20 17.91 5.00 11.97
CA ALA A 20 17.67 4.60 10.59
C ALA A 20 18.22 5.63 9.58
N LYS A 21 18.38 6.89 10.00
CA LYS A 21 18.88 7.99 9.18
C LYS A 21 20.33 7.75 8.73
N LYS A 22 21.13 7.10 9.58
CA LYS A 22 22.52 6.76 9.29
C LYS A 22 22.68 5.67 8.20
N GLN A 23 21.59 4.95 7.89
CA GLN A 23 21.57 3.87 6.91
C GLN A 23 21.35 4.49 5.51
N SER A 24 22.44 4.87 4.85
CA SER A 24 22.41 5.56 3.57
C SER A 24 22.41 4.71 2.30
N GLY A 25 22.32 3.39 2.42
CA GLY A 25 22.34 2.51 1.25
C GLY A 25 21.10 2.61 0.39
N GLY A 26 21.11 1.91 -0.74
CA GLY A 26 19.96 1.88 -1.62
C GLY A 26 20.06 2.72 -2.86
N LYS A 27 19.08 2.56 -3.75
CA LYS A 27 19.05 3.29 -5.00
C LYS A 27 17.64 3.83 -5.22
N VAL A 28 17.53 5.12 -5.52
CA VAL A 28 16.23 5.73 -5.80
C VAL A 28 15.68 5.14 -7.12
N ALA A 29 14.37 4.79 -7.23
CA ALA A 29 13.83 4.20 -8.48
C ALA A 29 13.97 5.22 -9.62
N ASP A 30 14.40 4.78 -10.80
CA ASP A 30 14.66 5.70 -11.89
C ASP A 30 14.08 5.27 -13.22
N TYR A 31 13.03 4.44 -13.22
CA TYR A 31 12.49 3.97 -14.50
C TYR A 31 11.68 5.07 -15.17
N ILE A 32 11.07 6.00 -14.40
CA ILE A 32 10.40 7.21 -14.93
C ILE A 32 11.05 8.46 -14.29
N PRO A 33 11.15 9.61 -14.99
CA PRO A 33 11.80 10.79 -14.37
C PRO A 33 11.14 11.34 -13.09
N GLN A 34 9.85 11.08 -12.88
CA GLN A 34 9.09 11.51 -11.70
C GLN A 34 9.53 10.79 -10.42
N LEU A 35 10.18 9.63 -10.53
CA LEU A 35 10.72 8.91 -9.38
C LEU A 35 12.20 9.25 -9.20
N ALA A 36 12.94 9.42 -10.31
CA ALA A 36 14.36 9.75 -10.34
C ALA A 36 14.69 11.12 -9.72
N LYS A 37 13.75 12.07 -9.83
CA LYS A 37 13.80 13.46 -9.32
C LYS A 37 14.18 13.45 -7.84
N PHE A 38 13.63 12.52 -7.07
CA PHE A 38 13.66 12.49 -5.62
C PHE A 38 15.01 12.36 -4.97
N SER A 39 15.19 13.15 -3.92
CA SER A 39 16.41 13.14 -3.14
C SER A 39 16.54 11.85 -2.34
N PRO A 40 17.75 11.25 -2.30
CA PRO A 40 17.95 10.08 -1.43
C PRO A 40 17.90 10.40 0.05
N ASP A 41 18.06 11.66 0.44
CA ASP A 41 18.12 12.10 1.82
C ASP A 41 16.79 12.35 2.51
N LEU A 42 15.68 12.32 1.75
CA LEU A 42 14.34 12.50 2.30
C LEU A 42 14.00 11.29 3.15
N TRP A 43 13.55 11.53 4.39
CA TRP A 43 13.22 10.46 5.32
C TRP A 43 12.18 10.98 6.32
N GLY A 44 10.99 10.39 6.31
CA GLY A 44 9.90 10.82 7.20
C GLY A 44 9.17 9.69 7.87
N VAL A 45 8.72 9.90 9.13
CA VAL A 45 7.97 8.87 9.87
C VAL A 45 6.78 9.53 10.53
N SER A 46 5.56 9.05 10.25
CA SER A 46 4.36 9.59 10.91
C SER A 46 3.58 8.50 11.58
N VAL A 47 3.09 8.76 12.78
CA VAL A 47 2.32 7.83 13.59
C VAL A 47 0.94 8.42 13.89
N CYS A 48 -0.13 7.62 13.78
CA CYS A 48 -1.47 8.01 14.20
C CYS A 48 -2.01 6.81 15.00
N THR A 49 -2.27 6.99 16.30
CA THR A 49 -2.78 5.90 17.12
C THR A 49 -4.28 5.67 16.88
N VAL A 50 -4.84 4.52 17.35
CA VAL A 50 -6.26 4.24 17.19
C VAL A 50 -7.16 5.24 18.01
N ASP A 51 -6.55 5.99 18.98
CA ASP A 51 -7.19 7.03 19.79
C ASP A 51 -7.07 8.45 19.16
N GLY A 52 -6.26 8.60 18.13
CA GLY A 52 -6.11 9.89 17.46
C GLY A 52 -4.86 10.67 17.80
N GLN A 53 -3.93 10.08 18.55
CA GLN A 53 -2.70 10.76 18.91
C GLN A 53 -1.72 10.77 17.72
N ARG A 54 -1.15 11.95 17.41
CA ARG A 54 -0.27 12.06 16.25
C ARG A 54 1.16 12.40 16.63
N HIS A 55 2.12 11.98 15.77
CA HIS A 55 3.53 12.32 15.93
C HIS A 55 4.26 12.19 14.61
N SER A 56 5.05 13.21 14.24
CA SER A 56 5.80 13.18 12.99
C SER A 56 7.27 13.58 13.21
N THR A 57 8.18 12.99 12.43
CA THR A 57 9.60 13.32 12.47
C THR A 57 10.12 13.22 11.07
N GLY A 58 10.82 14.27 10.64
CA GLY A 58 11.42 14.33 9.32
C GLY A 58 10.55 14.97 8.26
N ASP A 59 10.71 14.50 7.02
CA ASP A 59 10.03 15.02 5.84
C ASP A 59 8.63 14.43 5.68
N THR A 60 7.69 14.85 6.56
CA THR A 60 6.35 14.25 6.65
C THR A 60 5.22 15.01 5.93
N LYS A 61 5.52 16.18 5.39
CA LYS A 61 4.58 17.00 4.64
C LYS A 61 5.00 17.16 3.16
N VAL A 62 5.88 16.28 2.65
CA VAL A 62 6.31 16.30 1.25
C VAL A 62 5.51 15.23 0.53
N PRO A 63 4.72 15.60 -0.51
CA PRO A 63 3.90 14.59 -1.20
C PRO A 63 4.70 13.68 -2.11
N PHE A 64 4.32 12.41 -2.16
CA PHE A 64 4.91 11.37 -2.99
C PHE A 64 3.75 10.42 -3.44
N CYS A 65 3.95 9.62 -4.51
CA CYS A 65 2.88 8.72 -4.99
C CYS A 65 2.77 7.47 -4.14
N LEU A 66 1.55 6.97 -3.94
CA LEU A 66 1.33 5.73 -3.19
C LEU A 66 1.96 4.56 -3.94
N GLN A 67 1.82 4.52 -5.27
CA GLN A 67 2.32 3.43 -6.11
C GLN A 67 1.69 2.10 -5.62
N SER A 68 2.47 1.05 -5.28
CA SER A 68 1.89 -0.17 -4.79
C SER A 68 1.27 -0.07 -3.40
N CYS A 69 1.50 1.04 -2.66
CA CYS A 69 0.85 1.21 -1.35
C CYS A 69 -0.71 1.35 -1.48
N VAL A 70 -1.21 1.66 -2.70
CA VAL A 70 -2.64 1.76 -2.98
C VAL A 70 -3.27 0.36 -3.15
N LYS A 71 -2.47 -0.69 -3.51
CA LYS A 71 -3.01 -2.05 -3.70
C LYS A 71 -3.89 -2.54 -2.53
N PRO A 72 -3.46 -2.48 -1.24
CA PRO A 72 -4.34 -2.95 -0.17
C PRO A 72 -5.60 -2.10 0.00
N LEU A 73 -5.50 -0.80 -0.28
CA LEU A 73 -6.62 0.17 -0.17
C LEU A 73 -7.75 -0.09 -1.19
N LYS A 74 -7.41 -0.31 -2.48
CA LYS A 74 -8.45 -0.63 -3.46
C LYS A 74 -9.01 -2.05 -3.26
N TYR A 75 -8.20 -2.97 -2.70
CA TYR A 75 -8.67 -4.32 -2.38
C TYR A 75 -9.73 -4.20 -1.27
N ALA A 76 -9.47 -3.36 -0.25
CA ALA A 76 -10.40 -3.13 0.86
C ALA A 76 -11.72 -2.56 0.36
N ILE A 77 -11.66 -1.62 -0.58
CA ILE A 77 -12.85 -1.01 -1.19
C ILE A 77 -13.63 -2.07 -1.94
N ALA A 78 -12.96 -2.95 -2.70
CA ALA A 78 -13.66 -4.01 -3.44
C ALA A 78 -14.38 -4.98 -2.50
N VAL A 79 -13.73 -5.44 -1.43
CA VAL A 79 -14.35 -6.36 -0.48
C VAL A 79 -15.48 -5.67 0.28
N ASN A 80 -15.29 -4.38 0.63
CA ASN A 80 -16.29 -3.58 1.31
C ASN A 80 -17.59 -3.52 0.49
N ASP A 81 -17.49 -3.31 -0.82
CA ASP A 81 -18.66 -3.19 -1.68
C ASP A 81 -19.21 -4.50 -2.24
N LEU A 82 -18.36 -5.52 -2.43
CA LEU A 82 -18.78 -6.75 -3.10
C LEU A 82 -18.74 -8.03 -2.24
N GLY A 83 -17.94 -8.02 -1.18
CA GLY A 83 -17.75 -9.15 -0.28
C GLY A 83 -16.58 -10.03 -0.68
N THR A 84 -16.07 -10.83 0.27
CA THR A 84 -14.96 -11.77 0.08
C THR A 84 -15.19 -12.77 -1.06
N GLU A 85 -16.38 -13.39 -1.10
CA GLU A 85 -16.68 -14.44 -2.08
C GLU A 85 -16.63 -13.95 -3.51
N TYR A 86 -17.23 -12.80 -3.81
CA TYR A 86 -17.23 -12.28 -5.16
C TYR A 86 -15.83 -11.87 -5.59
N VAL A 87 -15.09 -11.17 -4.74
CA VAL A 87 -13.75 -10.72 -5.08
C VAL A 87 -12.80 -11.88 -5.37
N HIS A 88 -12.87 -12.95 -4.56
CA HIS A 88 -11.94 -14.04 -4.72
C HIS A 88 -12.35 -15.08 -5.77
N ARG A 89 -13.36 -14.78 -6.60
CA ARG A 89 -13.64 -15.57 -7.80
C ARG A 89 -12.64 -15.14 -8.92
N TYR A 90 -12.07 -13.91 -8.81
CA TYR A 90 -11.19 -13.29 -9.79
C TYR A 90 -9.73 -13.23 -9.34
N VAL A 91 -9.47 -13.24 -8.02
CA VAL A 91 -8.12 -13.13 -7.51
C VAL A 91 -7.86 -14.12 -6.36
N GLY A 92 -6.66 -14.69 -6.29
CA GLY A 92 -6.29 -15.64 -5.25
C GLY A 92 -6.01 -14.99 -3.90
N LYS A 93 -5.58 -15.79 -2.90
CA LYS A 93 -5.36 -15.23 -1.57
C LYS A 93 -4.09 -15.72 -0.87
N GLU A 94 -3.01 -15.89 -1.62
CA GLU A 94 -1.75 -16.33 -1.01
C GLU A 94 -0.50 -15.93 -1.78
N PRO A 95 0.69 -15.94 -1.14
CA PRO A 95 1.92 -15.61 -1.86
C PRO A 95 2.27 -16.63 -2.95
N SER A 96 2.99 -16.18 -3.98
CA SER A 96 3.38 -17.06 -5.08
C SER A 96 4.65 -17.85 -4.81
N GLY A 97 5.57 -17.27 -4.07
CA GLY A 97 6.87 -17.89 -3.81
C GLY A 97 7.92 -17.42 -4.81
N LEU A 98 9.19 -17.75 -4.56
CA LEU A 98 10.27 -17.33 -5.44
C LEU A 98 10.26 -18.08 -6.79
N ARG A 99 9.81 -19.35 -6.81
CA ARG A 99 9.74 -20.13 -8.06
C ARG A 99 8.75 -19.51 -9.07
N PHE A 100 7.55 -19.11 -8.63
CA PHE A 100 6.53 -18.54 -9.52
C PHE A 100 6.40 -17.01 -9.37
N ASN A 101 7.53 -16.29 -9.22
CA ASN A 101 7.47 -14.83 -9.03
C ASN A 101 7.41 -14.04 -10.39
N LYS A 102 7.55 -14.73 -11.53
CA LYS A 102 7.52 -14.12 -12.87
C LYS A 102 6.26 -14.49 -13.69
N LEU A 103 5.39 -15.35 -13.14
CA LEU A 103 4.17 -15.79 -13.77
C LEU A 103 3.02 -14.88 -13.38
N PHE A 104 2.16 -14.54 -14.33
CA PHE A 104 1.04 -13.66 -14.08
C PHE A 104 -0.11 -14.37 -13.34
N LEU A 105 -0.29 -15.67 -13.60
CA LEU A 105 -1.39 -16.43 -13.02
C LEU A 105 -0.96 -17.67 -12.21
N ASN A 106 -1.83 -18.17 -11.33
CA ASN A 106 -1.63 -19.38 -10.54
C ASN A 106 -2.21 -20.64 -11.26
N GLU A 107 -2.24 -21.82 -10.61
CA GLU A 107 -2.75 -23.05 -11.21
C GLU A 107 -4.19 -22.95 -11.72
N ASP A 108 -4.99 -22.06 -11.12
CA ASP A 108 -6.40 -21.93 -11.49
C ASP A 108 -6.67 -20.76 -12.44
N ASP A 109 -5.63 -20.23 -13.13
CA ASP A 109 -5.77 -19.11 -14.06
C ASP A 109 -6.27 -17.84 -13.39
N LYS A 110 -5.84 -17.63 -12.16
CA LYS A 110 -6.18 -16.44 -11.40
C LYS A 110 -4.89 -15.77 -10.95
N PRO A 111 -4.83 -14.43 -10.85
CA PRO A 111 -3.65 -13.79 -10.25
C PRO A 111 -3.46 -14.28 -8.81
N HIS A 112 -2.20 -14.51 -8.41
CA HIS A 112 -1.85 -15.07 -7.10
C HIS A 112 -2.53 -14.37 -5.91
N ASN A 113 -2.55 -13.05 -5.87
CA ASN A 113 -3.13 -12.31 -4.76
C ASN A 113 -3.33 -10.85 -5.18
N PRO A 114 -4.07 -10.03 -4.40
CA PRO A 114 -4.26 -8.61 -4.79
C PRO A 114 -3.02 -7.73 -4.71
N MET A 115 -1.93 -8.23 -4.12
CA MET A 115 -0.73 -7.42 -3.89
C MET A 115 0.28 -7.45 -5.04
N VAL A 116 0.08 -8.30 -6.05
CA VAL A 116 0.92 -8.34 -7.24
C VAL A 116 0.18 -7.55 -8.35
N ASN A 117 0.92 -7.06 -9.34
CA ASN A 117 0.37 -6.23 -10.42
C ASN A 117 -0.85 -6.85 -11.12
N ALA A 118 -0.79 -8.12 -11.50
CA ALA A 118 -1.89 -8.80 -12.16
C ALA A 118 -3.14 -8.84 -11.27
N GLY A 119 -2.93 -9.01 -9.96
CA GLY A 119 -4.02 -9.05 -8.99
C GLY A 119 -4.62 -7.68 -8.77
N ALA A 120 -3.80 -6.63 -8.73
CA ALA A 120 -4.31 -5.26 -8.55
C ALA A 120 -5.09 -4.78 -9.78
N ILE A 121 -4.66 -5.22 -10.98
CA ILE A 121 -5.33 -4.93 -12.25
C ILE A 121 -6.74 -5.59 -12.28
N VAL A 122 -6.86 -6.84 -11.79
CA VAL A 122 -8.16 -7.51 -11.74
C VAL A 122 -9.06 -6.82 -10.68
N VAL A 123 -8.53 -6.48 -9.50
CA VAL A 123 -9.28 -5.78 -8.45
C VAL A 123 -9.82 -4.43 -8.97
N THR A 124 -8.99 -3.66 -9.70
CA THR A 124 -9.37 -2.40 -10.33
C THR A 124 -10.60 -2.62 -11.28
N SER A 125 -10.64 -3.78 -11.98
CA SER A 125 -11.75 -4.11 -12.87
C SER A 125 -13.08 -4.41 -12.17
N LEU A 126 -13.05 -4.66 -10.86
CA LEU A 126 -14.24 -5.00 -10.07
C LEU A 126 -14.89 -3.79 -9.40
N ILE A 127 -14.16 -2.69 -9.21
CA ILE A 127 -14.68 -1.51 -8.49
C ILE A 127 -15.64 -0.67 -9.32
N LYS A 128 -16.82 -0.37 -8.75
CA LYS A 128 -17.84 0.50 -9.35
C LYS A 128 -18.08 0.24 -10.85
N GLN A 129 -18.42 -1.00 -11.21
CA GLN A 129 -18.63 -1.36 -12.61
C GLN A 129 -19.87 -0.68 -13.17
N GLY A 130 -19.84 -0.36 -14.46
CA GLY A 130 -20.98 0.28 -15.11
C GLY A 130 -20.88 1.77 -15.30
N VAL A 131 -19.93 2.44 -14.62
CA VAL A 131 -19.75 3.89 -14.78
C VAL A 131 -18.41 4.19 -15.50
N ASN A 132 -18.25 5.42 -16.03
CA ASN A 132 -17.01 5.78 -16.71
C ASN A 132 -15.84 6.00 -15.72
N ASN A 133 -14.59 6.02 -16.23
CA ASN A 133 -13.40 6.20 -15.40
C ASN A 133 -13.37 7.47 -14.55
N ALA A 134 -14.00 8.56 -14.98
CA ALA A 134 -14.02 9.79 -14.19
C ALA A 134 -14.80 9.55 -12.89
N GLU A 135 -15.97 8.89 -12.98
CA GLU A 135 -16.80 8.57 -11.82
C GLU A 135 -16.12 7.52 -10.93
N LYS A 136 -15.42 6.55 -11.53
CA LYS A 136 -14.72 5.51 -10.77
C LYS A 136 -13.60 6.15 -9.97
N PHE A 137 -12.83 7.06 -10.59
CA PHE A 137 -11.73 7.73 -9.92
C PHE A 137 -12.25 8.57 -8.75
N ASP A 138 -13.34 9.35 -8.97
CA ASP A 138 -13.94 10.17 -7.92
C ASP A 138 -14.43 9.34 -6.74
N TYR A 139 -15.00 8.18 -7.03
CA TYR A 139 -15.48 7.27 -6.03
C TYR A 139 -14.34 6.77 -5.13
N VAL A 140 -13.19 6.43 -5.72
CA VAL A 140 -12.04 5.96 -4.95
C VAL A 140 -11.41 7.10 -4.14
N MET A 141 -11.30 8.32 -4.73
CA MET A 141 -10.79 9.50 -4.03
C MET A 141 -11.64 9.85 -2.81
N GLN A 142 -12.97 9.77 -2.96
CA GLN A 142 -13.95 9.99 -1.91
C GLN A 142 -13.67 9.04 -0.72
N PHE A 143 -13.33 7.76 -1.04
CA PHE A 143 -13.03 6.69 -0.10
C PHE A 143 -11.67 6.91 0.61
N LEU A 144 -10.65 7.33 -0.14
CA LEU A 144 -9.34 7.62 0.43
C LEU A 144 -9.36 8.85 1.33
N ASN A 145 -10.23 9.84 1.01
CA ASN A 145 -10.38 11.03 1.83
C ASN A 145 -10.99 10.64 3.20
N LYS A 146 -11.95 9.69 3.21
CA LYS A 146 -12.54 9.22 4.47
C LYS A 146 -11.51 8.43 5.28
N MET A 147 -10.67 7.64 4.60
CA MET A 147 -9.62 6.87 5.27
C MET A 147 -8.57 7.75 5.91
N ALA A 148 -8.28 8.91 5.31
CA ALA A 148 -7.28 9.86 5.80
C ALA A 148 -7.83 10.97 6.70
N GLY A 149 -9.14 10.95 7.00
CA GLY A 149 -9.78 11.96 7.83
C GLY A 149 -9.73 13.33 7.21
N ASN A 150 -9.87 13.38 5.87
CA ASN A 150 -9.85 14.57 5.01
C ASN A 150 -8.47 15.25 4.95
N GLU A 151 -7.41 14.50 5.22
CA GLU A 151 -6.05 15.01 5.09
C GLU A 151 -5.56 14.80 3.65
N TYR A 152 -4.38 15.37 3.31
CA TYR A 152 -3.81 15.40 1.97
C TYR A 152 -3.97 14.12 1.16
N VAL A 153 -4.75 14.19 0.06
CA VAL A 153 -4.89 13.15 -0.96
C VAL A 153 -4.88 13.93 -2.29
N GLY A 154 -3.80 13.82 -3.03
CA GLY A 154 -3.66 14.53 -4.29
C GLY A 154 -3.49 13.61 -5.47
N PHE A 155 -3.01 14.16 -6.58
CA PHE A 155 -2.83 13.37 -7.79
C PHE A 155 -1.64 13.91 -8.57
N SER A 156 -0.80 13.03 -9.09
CA SER A 156 0.33 13.45 -9.92
C SER A 156 0.03 13.14 -11.40
N ASN A 157 -0.29 14.16 -12.21
CA ASN A 157 -0.55 13.94 -13.63
C ASN A 157 0.73 13.48 -14.35
N ALA A 158 1.89 14.09 -14.02
CA ALA A 158 3.17 13.69 -14.59
C ALA A 158 3.45 12.19 -14.37
N THR A 159 3.21 11.65 -13.16
CA THR A 159 3.42 10.23 -12.89
C THR A 159 2.47 9.40 -13.73
N PHE A 160 1.17 9.79 -13.80
CA PHE A 160 0.16 9.12 -14.61
C PHE A 160 0.58 8.99 -16.09
N GLN A 161 0.97 10.11 -16.71
CA GLN A 161 1.38 10.09 -18.11
C GLN A 161 2.64 9.26 -18.34
N SER A 162 3.56 9.24 -17.37
CA SER A 162 4.79 8.48 -17.48
C SER A 162 4.58 6.99 -17.28
N GLU A 163 3.73 6.60 -16.32
CA GLU A 163 3.42 5.21 -16.04
C GLU A 163 2.73 4.57 -17.24
N ARG A 164 1.81 5.27 -17.85
CA ARG A 164 1.07 4.81 -18.99
C ARG A 164 1.94 4.69 -20.24
N GLU A 165 2.78 5.70 -20.53
CA GLU A 165 3.64 5.66 -21.71
C GLU A 165 4.74 4.61 -21.62
N SER A 166 5.14 4.19 -20.41
CA SER A 166 6.22 3.22 -20.30
C SER A 166 5.84 1.87 -19.69
N GLY A 167 4.57 1.67 -19.37
CA GLY A 167 4.10 0.42 -18.75
C GLY A 167 3.82 -0.74 -19.71
N ASP A 168 4.80 -1.13 -20.52
CA ASP A 168 4.65 -2.28 -21.43
C ASP A 168 4.39 -3.58 -20.67
N ARG A 169 4.97 -3.76 -19.47
CA ARG A 169 4.73 -4.99 -18.71
C ARG A 169 3.28 -5.08 -18.25
N ASN A 170 2.68 -3.96 -17.86
CA ASN A 170 1.28 -3.94 -17.44
C ASN A 170 0.33 -4.17 -18.60
N PHE A 171 0.69 -3.69 -19.80
CA PHE A 171 -0.11 -3.95 -20.99
C PHE A 171 -0.01 -5.45 -21.37
N ALA A 172 1.14 -6.11 -21.11
CA ALA A 172 1.30 -7.53 -21.36
C ALA A 172 0.43 -8.32 -20.39
N ILE A 173 0.35 -7.87 -19.12
CA ILE A 173 -0.51 -8.49 -18.13
C ILE A 173 -1.98 -8.33 -18.56
N GLY A 174 -2.38 -7.10 -18.93
CA GLY A 174 -3.73 -6.81 -19.39
C GLY A 174 -4.23 -7.71 -20.51
N TYR A 175 -3.42 -7.88 -21.57
CA TYR A 175 -3.79 -8.75 -22.70
C TYR A 175 -3.76 -10.24 -22.31
N TYR A 176 -2.91 -10.63 -21.36
CA TYR A 176 -2.82 -12.01 -20.92
C TYR A 176 -4.06 -12.39 -20.08
N LEU A 177 -4.51 -11.47 -19.22
CA LEU A 177 -5.72 -11.63 -18.39
C LEU A 177 -6.98 -11.64 -19.27
N LYS A 178 -6.97 -10.91 -20.38
CA LYS A 178 -8.07 -10.86 -21.31
C LYS A 178 -8.17 -12.21 -22.05
N GLU A 179 -7.03 -12.78 -22.45
CA GLU A 179 -6.95 -14.07 -23.13
C GLU A 179 -7.45 -15.21 -22.20
N LYS A 180 -7.13 -15.13 -20.92
CA LYS A 180 -7.49 -16.17 -19.96
C LYS A 180 -8.86 -15.96 -19.30
N LYS A 181 -9.64 -14.94 -19.72
CA LYS A 181 -10.97 -14.67 -19.21
C LYS A 181 -10.95 -14.30 -17.72
N CYS A 182 -9.95 -13.53 -17.30
CA CYS A 182 -9.77 -13.15 -15.90
C CYS A 182 -10.65 -11.97 -15.45
N PHE A 183 -11.17 -11.19 -16.40
CA PHE A 183 -11.98 -10.01 -16.06
C PHE A 183 -13.47 -10.31 -16.09
N PRO A 184 -14.32 -9.56 -15.34
CA PRO A 184 -15.78 -9.73 -15.50
C PRO A 184 -16.22 -9.40 -16.95
N GLU A 185 -17.24 -10.08 -17.48
CA GLU A 185 -17.72 -9.83 -18.86
C GLU A 185 -18.03 -8.37 -19.16
N GLY A 186 -17.64 -7.94 -20.37
CA GLY A 186 -17.86 -6.58 -20.83
C GLY A 186 -16.90 -5.59 -20.22
N THR A 187 -15.65 -6.02 -20.00
CA THR A 187 -14.63 -5.16 -19.43
C THR A 187 -13.83 -4.55 -20.57
N ASP A 188 -13.68 -3.22 -20.56
CA ASP A 188 -12.81 -2.55 -21.51
C ASP A 188 -11.41 -2.55 -20.81
N MET A 189 -10.59 -3.54 -21.17
CA MET A 189 -9.28 -3.77 -20.58
C MET A 189 -8.35 -2.53 -20.64
N VAL A 190 -8.26 -1.87 -21.79
CA VAL A 190 -7.42 -0.69 -21.92
C VAL A 190 -7.88 0.44 -20.97
N GLY A 191 -9.19 0.60 -20.81
CA GLY A 191 -9.76 1.58 -19.89
C GLY A 191 -9.48 1.23 -18.44
N ILE A 192 -9.42 -0.07 -18.12
CA ILE A 192 -9.08 -0.53 -16.76
C ILE A 192 -7.59 -0.25 -16.47
N LEU A 193 -6.72 -0.40 -17.49
CA LEU A 193 -5.30 -0.09 -17.33
C LEU A 193 -5.12 1.42 -17.07
N ASP A 194 -5.92 2.25 -17.75
CA ASP A 194 -5.90 3.67 -17.50
C ASP A 194 -6.28 4.02 -16.08
N PHE A 195 -7.36 3.41 -15.57
CA PHE A 195 -7.83 3.60 -14.20
C PHE A 195 -6.75 3.12 -13.20
N TYR A 196 -6.05 2.02 -13.52
CA TYR A 196 -4.94 1.45 -12.72
C TYR A 196 -3.76 2.42 -12.61
N PHE A 197 -3.32 3.01 -13.74
CA PHE A 197 -2.21 3.97 -13.75
C PHE A 197 -2.56 5.22 -12.95
N GLN A 198 -3.85 5.63 -12.99
CA GLN A 198 -4.37 6.76 -12.24
C GLN A 198 -4.31 6.51 -10.75
N LEU A 199 -4.69 5.30 -10.28
CA LEU A 199 -4.67 4.95 -8.85
C LEU A 199 -3.23 4.86 -8.29
N CYS A 200 -2.29 4.39 -9.12
CA CYS A 200 -0.87 4.32 -8.79
C CYS A 200 -0.26 5.75 -8.59
N SER A 201 -0.85 6.75 -9.25
CA SER A 201 -0.42 8.14 -9.27
C SER A 201 -1.04 9.04 -8.20
N ILE A 202 -1.80 8.46 -7.26
CA ILE A 202 -2.39 9.23 -6.18
C ILE A 202 -1.29 9.55 -5.16
N GLU A 203 -1.25 10.80 -4.73
CA GLU A 203 -0.26 11.36 -3.83
C GLU A 203 -0.75 11.54 -2.41
N VAL A 204 0.09 11.18 -1.47
CA VAL A 204 -0.17 11.34 -0.04
C VAL A 204 1.09 12.01 0.59
N THR A 205 1.05 12.32 1.88
CA THR A 205 2.19 12.74 2.71
C THR A 205 2.33 11.59 3.77
N CYS A 206 3.40 11.59 4.59
CA CYS A 206 3.50 10.61 5.67
C CYS A 206 2.34 10.78 6.64
N GLU A 207 1.98 12.05 6.95
CA GLU A 207 0.90 12.41 7.86
C GLU A 207 -0.46 11.89 7.44
N SER A 208 -0.89 12.17 6.19
CA SER A 208 -2.19 11.69 5.73
C SER A 208 -2.23 10.16 5.56
N ALA A 209 -1.13 9.54 5.11
CA ALA A 209 -1.09 8.09 4.92
C ALA A 209 -1.09 7.33 6.22
N SER A 210 -0.51 7.91 7.30
CA SER A 210 -0.54 7.24 8.61
C SER A 210 -1.96 7.19 9.15
N VAL A 211 -2.83 8.16 8.78
CA VAL A 211 -4.24 8.13 9.18
C VAL A 211 -4.97 6.97 8.46
N MET A 212 -4.67 6.72 7.17
CA MET A 212 -5.24 5.61 6.41
C MET A 212 -4.82 4.27 7.02
N ALA A 213 -3.57 4.16 7.49
CA ALA A 213 -3.07 2.95 8.13
C ALA A 213 -3.69 2.76 9.53
N ALA A 214 -4.02 3.87 10.20
CA ALA A 214 -4.67 3.83 11.51
C ALA A 214 -6.15 3.45 11.37
N THR A 215 -6.78 3.70 10.19
CA THR A 215 -8.16 3.29 9.90
C THR A 215 -8.19 1.75 9.84
N LEU A 216 -7.20 1.14 9.19
CA LEU A 216 -7.05 -0.31 9.10
C LEU A 216 -6.70 -0.89 10.48
N ALA A 217 -5.93 -0.17 11.30
CA ALA A 217 -5.59 -0.62 12.65
C ALA A 217 -6.76 -0.50 13.64
N ASN A 218 -7.77 0.28 13.29
CA ASN A 218 -8.92 0.52 14.16
C ASN A 218 -10.21 -0.13 13.68
N GLY A 219 -10.13 -1.31 13.09
CA GLY A 219 -11.31 -2.04 12.63
C GLY A 219 -12.16 -1.39 11.56
N GLY A 220 -11.53 -0.49 10.79
CA GLY A 220 -12.23 0.23 9.72
C GLY A 220 -12.86 1.54 10.11
N PHE A 221 -12.62 2.01 11.34
CA PHE A 221 -13.14 3.30 11.79
C PHE A 221 -12.00 4.31 11.74
N CYS A 222 -12.20 5.46 11.08
CA CYS A 222 -11.16 6.49 11.02
C CYS A 222 -10.93 7.07 12.43
N PRO A 223 -9.70 7.06 12.97
CA PRO A 223 -9.52 7.52 14.36
C PRO A 223 -9.61 9.02 14.61
N ILE A 224 -9.45 9.85 13.56
CA ILE A 224 -9.54 11.30 13.76
C ILE A 224 -10.96 11.88 13.46
N THR A 225 -11.90 11.04 13.01
CA THR A 225 -13.29 11.46 12.74
C THR A 225 -14.32 10.57 13.44
N GLY A 226 -13.96 9.30 13.68
CA GLY A 226 -14.85 8.32 14.28
C GLY A 226 -15.84 7.71 13.30
N GLU A 227 -15.66 7.97 12.01
CA GLU A 227 -16.54 7.53 10.94
C GLU A 227 -16.19 6.09 10.50
N ARG A 228 -17.21 5.25 10.26
CA ARG A 228 -16.97 3.89 9.77
C ARG A 228 -16.71 4.00 8.26
N VAL A 229 -15.52 3.59 7.81
CA VAL A 229 -15.12 3.70 6.41
C VAL A 229 -15.13 2.33 5.72
N LEU A 230 -14.55 1.32 6.37
CA LEU A 230 -14.49 -0.02 5.81
C LEU A 230 -15.20 -1.03 6.73
N SER A 231 -15.70 -2.11 6.14
CA SER A 231 -16.38 -3.16 6.90
C SER A 231 -15.31 -4.01 7.64
N PRO A 232 -15.67 -4.65 8.77
CA PRO A 232 -14.70 -5.51 9.49
C PRO A 232 -14.09 -6.62 8.63
N GLU A 233 -14.88 -7.15 7.69
CA GLU A 233 -14.50 -8.21 6.76
C GLU A 233 -13.44 -7.68 5.79
N ALA A 234 -13.61 -6.45 5.27
CA ALA A 234 -12.66 -5.83 4.36
C ALA A 234 -11.34 -5.55 5.05
N VAL A 235 -11.38 -5.14 6.33
CA VAL A 235 -10.16 -4.83 7.07
C VAL A 235 -9.36 -6.09 7.41
N ARG A 236 -10.04 -7.12 7.92
CA ARG A 236 -9.44 -8.42 8.25
C ARG A 236 -8.75 -9.06 7.04
N ASN A 237 -9.41 -9.10 5.86
CA ASN A 237 -8.84 -9.66 4.63
C ASN A 237 -7.62 -8.87 4.13
N THR A 238 -7.67 -7.54 4.23
CA THR A 238 -6.58 -6.67 3.77
C THR A 238 -5.37 -6.89 4.66
N LEU A 239 -5.57 -6.97 5.98
CA LEU A 239 -4.48 -7.19 6.92
C LEU A 239 -3.84 -8.57 6.77
N SER A 240 -4.61 -9.63 6.46
CA SER A 240 -4.03 -10.97 6.25
C SER A 240 -3.13 -10.94 5.03
N LEU A 241 -3.59 -10.31 3.93
CA LEU A 241 -2.81 -10.26 2.71
C LEU A 241 -1.63 -9.27 2.77
N MET A 242 -1.70 -8.25 3.63
CA MET A 242 -0.56 -7.33 3.82
C MET A 242 0.56 -8.05 4.63
N HIS A 243 0.16 -8.95 5.52
CA HIS A 243 1.07 -9.70 6.37
C HIS A 243 1.90 -10.73 5.58
N SER A 244 1.26 -11.40 4.61
CA SER A 244 1.95 -12.41 3.84
C SER A 244 2.39 -11.98 2.44
N CYS A 245 1.83 -10.91 1.85
CA CYS A 245 2.18 -10.53 0.47
C CYS A 245 2.61 -9.09 0.27
N GLY A 246 2.80 -8.31 1.33
CA GLY A 246 3.00 -6.88 1.18
C GLY A 246 4.36 -6.27 0.91
N MET A 247 5.44 -7.04 1.07
CA MET A 247 6.80 -6.52 0.91
C MET A 247 7.56 -7.17 -0.24
N TYR A 248 6.87 -7.40 -1.38
CA TYR A 248 7.46 -8.04 -2.57
C TYR A 248 8.13 -9.40 -2.21
N ASP A 249 9.34 -9.69 -2.73
CA ASP A 249 10.05 -10.94 -2.44
C ASP A 249 10.58 -11.04 -0.99
N PHE A 250 10.43 -9.97 -0.21
CA PHE A 250 10.84 -9.95 1.19
C PHE A 250 9.67 -10.28 2.15
N SER A 251 8.43 -10.46 1.61
CA SER A 251 7.24 -10.74 2.40
C SER A 251 7.41 -11.84 3.44
N GLY A 252 8.04 -12.94 3.07
CA GLY A 252 8.28 -14.07 3.98
C GLY A 252 9.26 -13.76 5.09
N GLN A 253 10.32 -12.98 4.78
CA GLN A 253 11.30 -12.60 5.80
C GLN A 253 10.70 -11.58 6.78
N PHE A 254 9.85 -10.68 6.25
CA PHE A 254 9.17 -9.63 7.00
C PHE A 254 8.09 -10.23 7.93
N ALA A 255 7.37 -11.27 7.48
CA ALA A 255 6.37 -11.94 8.32
C ALA A 255 7.06 -12.63 9.47
N PHE A 256 8.22 -13.26 9.22
CA PHE A 256 8.99 -13.95 10.25
C PHE A 256 9.65 -12.97 11.25
N HIS A 257 10.38 -11.94 10.78
CA HIS A 257 11.10 -11.05 11.69
C HIS A 257 10.29 -9.89 12.23
N VAL A 258 9.36 -9.34 11.44
CA VAL A 258 8.57 -8.19 11.88
C VAL A 258 7.16 -8.61 12.31
N GLY A 259 6.49 -9.43 11.50
CA GLY A 259 5.18 -9.98 11.86
C GLY A 259 4.04 -8.99 11.94
N LEU A 260 4.13 -7.89 11.20
CA LEU A 260 3.07 -6.89 11.16
C LEU A 260 2.50 -6.75 9.73
N PRO A 261 1.20 -6.43 9.55
CA PRO A 261 0.71 -6.12 8.20
C PRO A 261 1.36 -4.83 7.66
N ALA A 262 2.05 -4.90 6.50
CA ALA A 262 2.69 -3.75 5.89
C ALA A 262 2.63 -3.80 4.37
N LYS A 263 2.86 -2.66 3.68
CA LYS A 263 2.86 -2.63 2.23
C LYS A 263 3.85 -1.61 1.77
N SER A 264 4.78 -2.00 0.90
CA SER A 264 5.75 -1.07 0.37
C SER A 264 5.42 -0.65 -1.09
N GLY A 265 5.99 0.48 -1.51
CA GLY A 265 5.83 1.03 -2.85
C GLY A 265 7.16 1.49 -3.41
N VAL A 266 7.22 1.66 -4.73
CA VAL A 266 8.44 2.05 -5.45
C VAL A 266 8.88 3.50 -5.15
N ALA A 267 7.97 4.32 -4.59
CA ALA A 267 8.31 5.69 -4.18
C ALA A 267 9.11 5.71 -2.85
N GLY A 268 9.24 4.56 -2.18
CA GLY A 268 9.96 4.44 -0.94
C GLY A 268 9.07 4.45 0.30
N GLY A 269 7.75 4.38 0.12
CA GLY A 269 6.84 4.35 1.26
C GLY A 269 6.58 2.95 1.79
N ILE A 270 6.39 2.84 3.12
CA ILE A 270 6.01 1.59 3.78
C ILE A 270 4.79 1.91 4.68
N LEU A 271 3.60 1.51 4.25
CA LEU A 271 2.37 1.69 5.02
C LEU A 271 2.37 0.55 6.06
N LEU A 272 2.40 0.87 7.36
CA LEU A 272 2.53 -0.14 8.41
C LEU A 272 1.36 -0.11 9.38
N VAL A 273 0.80 -1.27 9.70
CA VAL A 273 -0.34 -1.35 10.62
C VAL A 273 0.02 -2.16 11.87
N VAL A 274 -0.28 -1.62 13.08
CA VAL A 274 -0.12 -2.31 14.36
C VAL A 274 -1.54 -2.41 14.92
N PRO A 275 -2.21 -3.56 14.67
CA PRO A 275 -3.64 -3.70 15.04
C PRO A 275 -4.00 -3.32 16.47
N ASN A 276 -5.04 -2.47 16.63
CA ASN A 276 -5.53 -1.93 17.91
C ASN A 276 -4.52 -1.04 18.62
N VAL A 277 -3.48 -0.56 17.90
CA VAL A 277 -2.48 0.30 18.49
C VAL A 277 -2.30 1.55 17.64
N MET A 278 -1.85 1.42 16.37
CA MET A 278 -1.61 2.59 15.53
C MET A 278 -1.39 2.23 14.05
N GLY A 279 -1.34 3.27 13.23
CA GLY A 279 -1.00 3.22 11.83
C GLY A 279 0.21 4.10 11.59
N MET A 280 1.07 3.70 10.67
CA MET A 280 2.29 4.42 10.37
C MET A 280 2.60 4.48 8.90
N MET A 281 3.32 5.51 8.50
CA MET A 281 3.83 5.65 7.16
C MET A 281 5.27 6.12 7.29
N CYS A 282 6.22 5.28 6.81
CA CYS A 282 7.67 5.55 6.72
C CYS A 282 7.90 5.87 5.29
N TRP A 283 8.72 6.86 4.99
CA TRP A 283 9.04 7.15 3.61
C TRP A 283 10.48 7.55 3.40
N SER A 284 11.18 6.82 2.54
CA SER A 284 12.54 7.16 2.15
C SER A 284 12.78 6.62 0.74
N PRO A 285 12.97 7.52 -0.25
CA PRO A 285 13.12 7.07 -1.65
C PRO A 285 14.12 5.94 -1.98
N PRO A 286 15.35 5.83 -1.40
CA PRO A 286 16.24 4.74 -1.82
C PRO A 286 15.75 3.34 -1.46
N LEU A 287 15.64 2.47 -2.48
CA LEU A 287 15.17 1.10 -2.37
C LEU A 287 16.32 0.08 -2.39
N ASP A 288 16.11 -1.10 -1.80
CA ASP A 288 17.10 -2.17 -1.85
C ASP A 288 16.85 -3.05 -3.09
N LYS A 289 17.65 -4.12 -3.27
CA LYS A 289 17.47 -5.08 -4.37
C LYS A 289 16.02 -5.62 -4.44
N MET A 290 15.34 -5.78 -3.30
CA MET A 290 13.95 -6.28 -3.30
C MET A 290 12.89 -5.24 -3.65
N GLY A 291 13.26 -3.96 -3.67
CA GLY A 291 12.33 -2.88 -3.99
C GLY A 291 11.71 -2.19 -2.78
N ASN A 292 12.20 -2.50 -1.57
CA ASN A 292 11.70 -1.88 -0.35
C ASN A 292 12.63 -0.76 0.15
N SER A 293 12.08 0.27 0.77
CA SER A 293 12.87 1.37 1.31
C SER A 293 13.91 0.88 2.32
N VAL A 294 15.20 1.15 2.08
CA VAL A 294 16.29 0.75 2.99
C VAL A 294 16.07 1.27 4.44
N LYS A 295 15.82 2.58 4.63
CA LYS A 295 15.59 3.18 5.94
C LYS A 295 14.33 2.67 6.61
N GLY A 296 13.28 2.44 5.82
CA GLY A 296 12.02 1.94 6.33
C GLY A 296 12.10 0.53 6.86
N ILE A 297 12.79 -0.36 6.13
CA ILE A 297 13.02 -1.74 6.55
C ILE A 297 13.82 -1.74 7.86
N HIS A 298 14.87 -0.92 7.93
CA HIS A 298 15.67 -0.83 9.16
C HIS A 298 14.81 -0.35 10.34
N PHE A 299 14.03 0.71 10.14
CA PHE A 299 13.12 1.24 11.15
C PHE A 299 12.11 0.20 11.67
N CYS A 300 11.50 -0.58 10.77
CA CYS A 300 10.53 -1.62 11.12
C CYS A 300 11.14 -2.71 11.98
N HIS A 301 12.38 -3.09 11.70
CA HIS A 301 13.07 -4.13 12.48
C HIS A 301 13.35 -3.62 13.90
N ASP A 302 13.76 -2.36 14.02
CA ASP A 302 14.06 -1.76 15.32
C ASP A 302 12.82 -1.55 16.15
N LEU A 303 11.71 -1.17 15.50
CA LEU A 303 10.43 -0.91 16.16
C LEU A 303 9.85 -2.16 16.83
N VAL A 304 9.91 -3.30 16.16
CA VAL A 304 9.39 -4.55 16.73
C VAL A 304 10.29 -5.03 17.87
N SER A 305 11.63 -4.92 17.74
CA SER A 305 12.58 -5.32 18.80
C SER A 305 12.38 -4.51 20.08
N LEU A 306 12.20 -3.20 19.94
CA LEU A 306 12.05 -2.32 21.08
C LEU A 306 10.67 -2.36 21.75
N CYS A 307 9.58 -2.34 20.96
CA CYS A 307 8.24 -2.25 21.53
C CYS A 307 7.45 -3.56 21.58
N ASN A 308 8.03 -4.68 21.13
CA ASN A 308 7.37 -5.99 21.17
C ASN A 308 5.98 -5.99 20.49
N PHE A 309 5.93 -5.50 19.24
CA PHE A 309 4.69 -5.39 18.48
C PHE A 309 4.39 -6.59 17.55
N HIS A 310 5.36 -7.50 17.36
CA HIS A 310 5.23 -8.73 16.54
C HIS A 310 3.97 -9.50 16.95
N ASN A 311 3.18 -9.96 15.97
CA ASN A 311 1.96 -10.75 16.19
C ASN A 311 2.05 -11.80 17.31
N TYR A 312 3.15 -12.58 17.33
CA TYR A 312 3.31 -13.66 18.29
C TYR A 312 4.30 -13.35 19.41
N ASP A 313 4.47 -12.06 19.74
CA ASP A 313 5.30 -11.61 20.85
C ASP A 313 4.46 -11.71 22.13
N ASN A 314 5.03 -12.23 23.23
CA ASN A 314 4.28 -12.39 24.49
C ASN A 314 4.33 -11.16 25.39
#